data_6JAY
#
_entry.id   6JAY
#
_cell.length_a   98.529
_cell.length_b   98.529
_cell.length_c   94.447
_cell.angle_alpha   90.00
_cell.angle_beta   90.00
_cell.angle_gamma   90.00
#
_symmetry.space_group_name_H-M   'P 41 21 2'
#
loop_
_entity.id
_entity.type
_entity.pdbx_description
1 polymer 'Group II chitinase'
2 non-polymer 2-acetamido-2-deoxy-beta-D-glucopyranose
3 non-polymer "2-amino-1-[(furan-2-yl)methyl]-5-oxo-3-({[(2S)-oxolan-2-yl]methyl}carbamoyl)-5H-dipyrido[1,2-a:2',3'-d]pyrimidin-1-ium"
4 water water
#
_entity_poly.entity_id   1
_entity_poly.type   'polypeptide(L)'
_entity_poly.pdbx_seq_one_letter_code
;SLLNSRYKLVCYYTNWSWYRPGIGKYSPEDIDPSLCTHIVYGFAVLGNDGLMTAHDTWSDYDNRFYERVVEYKRYGIKVS
LALGGWNDSAGDKYSKLVNDPAARAKFVQHAVAFLEKYGFDGLDLDWEYPKCWQVDCSKGPDSDKQGFADLVHELSAVLK
PKGLLLSAAVSPNKMVIDAGYDVPVLARLLDWIAVMTYDYHGQWDKKTGHVAPLYYHPDDDTTYFNANYTIHYWMEKGTP
ASKIVMGMPMYGQSFTIENRGIHGLNIPVSDGGEPGEYTRAKGFLAYYEICDRIRNSGWTVVKDPYQRMGPYAYKGNQWV
SFDDVEIIKKKVNFIKSLNLGGGMIWALDLDDYRNRCGQGKHPLLNAIKTELLNPKIEMEKEMQQKPHK
;
_entity_poly.pdbx_strand_id   A
#
# COMPACT_ATOMS: atom_id res chain seq x y z
N SER A 1 19.53 -6.62 -12.37
CA SER A 1 18.07 -6.60 -12.31
C SER A 1 17.58 -6.70 -10.88
N LEU A 2 16.32 -6.32 -10.66
CA LEU A 2 15.77 -6.40 -9.31
C LEU A 2 15.72 -7.84 -8.81
N LEU A 3 15.41 -8.79 -9.71
CA LEU A 3 15.25 -10.17 -9.27
C LEU A 3 16.56 -10.73 -8.73
N ASN A 4 17.69 -10.31 -9.30
CA ASN A 4 18.99 -10.78 -8.84
C ASN A 4 19.57 -9.94 -7.71
N SER A 5 18.91 -8.86 -7.33
CA SER A 5 19.38 -8.04 -6.23
C SER A 5 18.98 -8.65 -4.90
N ARG A 6 19.47 -8.05 -3.82
CA ARG A 6 19.11 -8.45 -2.47
C ARG A 6 17.79 -7.87 -1.99
N TYR A 7 17.07 -7.11 -2.82
CA TYR A 7 15.87 -6.41 -2.38
C TYR A 7 14.64 -6.91 -3.13
N LYS A 8 13.50 -6.84 -2.46
CA LYS A 8 12.21 -6.98 -3.09
C LYS A 8 11.69 -5.62 -3.49
N LEU A 9 10.88 -5.59 -4.54
CA LEU A 9 10.08 -4.42 -4.90
C LEU A 9 8.69 -4.99 -5.16
N VAL A 10 7.81 -4.80 -4.18
CA VAL A 10 6.48 -5.39 -4.19
C VAL A 10 5.52 -4.37 -4.77
N CYS A 11 4.88 -4.72 -5.89
CA CYS A 11 4.01 -3.81 -6.63
C CYS A 11 2.57 -4.24 -6.47
N TYR A 12 1.72 -3.35 -5.98
CA TYR A 12 0.29 -3.63 -5.94
C TYR A 12 -0.35 -3.33 -7.29
N TYR A 13 -1.09 -4.31 -7.81
CA TYR A 13 -1.95 -4.16 -8.98
C TYR A 13 -3.39 -4.02 -8.47
N THR A 14 -4.20 -3.17 -9.11
CA THR A 14 -5.59 -3.00 -8.71
C THR A 14 -6.52 -3.31 -9.88
N ASN A 15 -7.49 -4.19 -9.65
CA ASN A 15 -8.38 -4.56 -10.75
C ASN A 15 -9.29 -3.40 -11.17
N TRP A 16 -9.61 -2.48 -10.25
CA TRP A 16 -10.57 -1.43 -10.57
C TRP A 16 -9.98 -0.30 -11.40
N SER A 17 -8.66 -0.26 -11.55
CA SER A 17 -8.02 0.73 -12.40
C SER A 17 -8.37 0.55 -13.87
N TRP A 18 -8.95 -0.60 -14.23
CA TRP A 18 -9.47 -0.81 -15.57
C TRP A 18 -10.59 0.16 -15.91
N TYR A 19 -11.40 0.54 -14.92
CA TYR A 19 -12.58 1.37 -15.11
C TYR A 19 -12.23 2.85 -14.94
N ARG A 20 -11.37 3.32 -15.84
CA ARG A 20 -10.96 4.71 -15.85
C ARG A 20 -10.93 5.17 -17.31
N PRO A 21 -11.23 6.44 -17.55
CA PRO A 21 -11.31 6.94 -18.92
C PRO A 21 -9.95 7.21 -19.53
N GLY A 22 -9.90 7.12 -20.87
CA GLY A 22 -8.73 7.57 -21.61
C GLY A 22 -7.44 6.97 -21.11
N ILE A 23 -6.44 7.83 -20.89
CA ILE A 23 -5.12 7.35 -20.51
C ILE A 23 -5.09 6.79 -19.10
N GLY A 24 -6.14 7.00 -18.30
CA GLY A 24 -6.16 6.46 -16.96
C GLY A 24 -6.50 4.99 -16.90
N LYS A 25 -6.99 4.43 -17.99
CA LYS A 25 -7.24 3.00 -18.04
C LYS A 25 -5.93 2.25 -17.85
N TYR A 26 -5.96 1.24 -16.97
CA TYR A 26 -4.83 0.36 -16.74
C TYR A 26 -5.32 -1.07 -16.83
N SER A 27 -4.59 -1.91 -17.56
CA SER A 27 -4.90 -3.31 -17.79
C SER A 27 -3.72 -4.17 -17.35
N PRO A 28 -3.92 -5.49 -17.18
CA PRO A 28 -2.79 -6.36 -16.79
C PRO A 28 -1.57 -6.23 -17.68
N GLU A 29 -1.75 -6.06 -18.98
CA GLU A 29 -0.61 -6.01 -19.89
C GLU A 29 0.14 -4.68 -19.80
N ASP A 30 -0.38 -3.70 -19.07
CA ASP A 30 0.39 -2.48 -18.80
C ASP A 30 1.45 -2.68 -17.73
N ILE A 31 1.46 -3.83 -17.03
CA ILE A 31 2.48 -4.08 -16.03
C ILE A 31 3.83 -4.17 -16.71
N ASP A 32 4.80 -3.42 -16.18
CA ASP A 32 6.17 -3.48 -16.69
C ASP A 32 6.93 -4.50 -15.85
N PRO A 33 7.27 -5.67 -16.40
CA PRO A 33 7.90 -6.72 -15.58
C PRO A 33 9.33 -6.40 -15.18
N SER A 34 9.95 -5.36 -15.71
CA SER A 34 11.27 -4.99 -15.24
C SER A 34 11.24 -4.20 -13.94
N LEU A 35 10.06 -3.84 -13.43
CA LEU A 35 9.95 -2.90 -12.33
C LEU A 35 9.53 -3.53 -11.01
N CYS A 36 9.28 -4.83 -10.97
CA CYS A 36 8.74 -5.46 -9.77
C CYS A 36 9.39 -6.82 -9.59
N THR A 37 9.62 -7.21 -8.34
CA THR A 37 9.99 -8.59 -8.04
C THR A 37 8.77 -9.41 -7.67
N HIS A 38 7.74 -8.74 -7.15
CA HIS A 38 6.53 -9.36 -6.67
C HIS A 38 5.39 -8.47 -7.10
N ILE A 39 4.31 -9.08 -7.56
CA ILE A 39 3.07 -8.37 -7.88
C ILE A 39 1.99 -8.93 -6.99
N VAL A 40 1.22 -8.04 -6.36
CA VAL A 40 0.13 -8.43 -5.47
C VAL A 40 -1.17 -7.90 -6.06
N TYR A 41 -2.12 -8.80 -6.28
CA TYR A 41 -3.37 -8.50 -6.97
C TYR A 41 -4.40 -8.03 -5.95
N GLY A 42 -4.80 -6.77 -6.02
CA GLY A 42 -5.84 -6.23 -5.16
C GLY A 42 -7.15 -6.11 -5.92
N PHE A 43 -8.22 -6.70 -5.39
CA PHE A 43 -8.29 -7.56 -4.19
C PHE A 43 -9.29 -8.68 -4.45
N ALA A 44 -9.12 -9.81 -3.76
CA ALA A 44 -10.23 -10.71 -3.45
C ALA A 44 -10.88 -10.26 -2.14
N VAL A 45 -12.10 -10.72 -1.91
CA VAL A 45 -12.87 -10.28 -0.75
C VAL A 45 -13.38 -11.47 0.03
N LEU A 46 -13.85 -11.19 1.24
CA LEU A 46 -14.41 -12.25 2.10
C LEU A 46 -15.90 -12.35 1.83
N GLY A 47 -16.34 -13.51 1.33
CA GLY A 47 -17.74 -13.70 1.03
C GLY A 47 -18.57 -13.88 2.28
N ASN A 48 -19.90 -13.84 2.07
CA ASN A 48 -20.86 -13.98 3.17
C ASN A 48 -20.80 -15.35 3.81
N ASP A 49 -20.30 -16.36 3.10
CA ASP A 49 -20.14 -17.69 3.63
C ASP A 49 -18.80 -17.89 4.33
N GLY A 50 -18.06 -16.81 4.57
CA GLY A 50 -16.75 -16.89 5.21
C GLY A 50 -15.63 -17.44 4.34
N LEU A 51 -15.76 -17.39 3.02
CA LEU A 51 -14.74 -17.92 2.13
C LEU A 51 -14.26 -16.82 1.19
N MET A 52 -12.98 -16.87 0.84
CA MET A 52 -12.44 -15.91 -0.12
C MET A 52 -13.13 -16.07 -1.47
N THR A 53 -13.43 -14.95 -2.11
CA THR A 53 -14.13 -14.97 -3.39
C THR A 53 -13.66 -13.78 -4.24
N ALA A 54 -13.84 -13.90 -5.55
CA ALA A 54 -13.47 -12.81 -6.44
C ALA A 54 -14.36 -11.59 -6.22
N HIS A 55 -13.72 -10.43 -6.22
CA HIS A 55 -14.43 -9.18 -6.02
C HIS A 55 -15.21 -8.77 -7.27
N ASP A 56 -14.63 -8.96 -8.45
CA ASP A 56 -15.18 -8.44 -9.71
C ASP A 56 -15.13 -9.59 -10.70
N THR A 57 -16.21 -10.36 -10.79
CA THR A 57 -16.19 -11.52 -11.67
C THR A 57 -16.01 -11.12 -13.13
N TRP A 58 -16.52 -9.95 -13.52
CA TRP A 58 -16.40 -9.51 -14.91
C TRP A 58 -14.94 -9.34 -15.32
N SER A 59 -14.14 -8.71 -14.46
CA SER A 59 -12.72 -8.60 -14.80
C SER A 59 -11.93 -9.84 -14.39
N ASP A 60 -12.03 -10.24 -13.11
CA ASP A 60 -11.18 -11.29 -12.56
C ASP A 60 -11.34 -12.60 -13.31
N TYR A 61 -12.58 -12.96 -13.63
CA TYR A 61 -12.91 -14.23 -14.28
C TYR A 61 -13.24 -14.05 -15.76
N ASP A 62 -14.29 -13.30 -16.08
CA ASP A 62 -14.80 -13.31 -17.45
C ASP A 62 -13.78 -12.74 -18.44
N ASN A 63 -13.01 -11.77 -17.96
CA ASN A 63 -11.95 -11.17 -18.80
C ASN A 63 -10.56 -11.68 -18.39
N ARG A 64 -10.53 -12.77 -17.64
CA ARG A 64 -9.30 -13.48 -17.19
C ARG A 64 -8.25 -12.52 -16.65
N PHE A 65 -8.62 -11.59 -15.76
CA PHE A 65 -7.59 -10.72 -15.16
C PHE A 65 -6.67 -11.49 -14.22
N TYR A 66 -7.19 -12.44 -13.48
CA TYR A 66 -6.31 -13.24 -12.60
C TYR A 66 -5.23 -13.93 -13.46
N GLU A 67 -5.65 -14.58 -14.53
CA GLU A 67 -4.71 -15.30 -15.41
C GLU A 67 -3.72 -14.32 -16.05
N ARG A 68 -4.22 -13.17 -16.46
CA ARG A 68 -3.37 -12.18 -17.15
C ARG A 68 -2.36 -11.55 -16.19
N VAL A 69 -2.63 -11.55 -14.89
CA VAL A 69 -1.60 -11.08 -13.98
C VAL A 69 -0.67 -12.22 -13.55
N VAL A 70 -1.24 -13.41 -13.34
CA VAL A 70 -0.41 -14.58 -13.06
C VAL A 70 0.55 -14.88 -14.22
N GLU A 71 0.22 -14.39 -15.43
CA GLU A 71 1.13 -14.43 -16.57
C GLU A 71 2.54 -13.97 -16.20
N TYR A 72 2.66 -13.00 -15.31
CA TYR A 72 3.98 -12.44 -15.03
C TYR A 72 4.89 -13.39 -14.27
N LYS A 73 4.40 -14.54 -13.80
CA LYS A 73 5.31 -15.55 -13.26
C LYS A 73 6.35 -15.96 -14.30
N ARG A 74 6.02 -15.83 -15.58
CA ARG A 74 6.94 -16.24 -16.64
C ARG A 74 8.23 -15.42 -16.65
N TYR A 75 8.23 -14.25 -16.02
CA TYR A 75 9.42 -13.43 -15.88
C TYR A 75 10.19 -13.72 -14.60
N GLY A 76 9.72 -14.64 -13.77
CA GLY A 76 10.32 -14.90 -12.47
C GLY A 76 9.76 -14.06 -11.36
N ILE A 77 8.74 -13.27 -11.64
CA ILE A 77 8.05 -12.48 -10.63
C ILE A 77 7.13 -13.40 -9.85
N LYS A 78 7.05 -13.19 -8.53
CA LYS A 78 6.08 -13.92 -7.70
C LYS A 78 4.78 -13.13 -7.68
N VAL A 79 3.68 -13.82 -7.96
CA VAL A 79 2.37 -13.16 -8.09
C VAL A 79 1.45 -13.68 -6.99
N SER A 80 1.07 -12.80 -6.06
CA SER A 80 0.19 -13.15 -4.95
C SER A 80 -1.18 -12.50 -5.14
N LEU A 81 -2.18 -13.07 -4.46
CA LEU A 81 -3.51 -12.50 -4.43
C LEU A 81 -3.74 -11.89 -3.06
N ALA A 82 -4.19 -10.63 -3.03
CA ALA A 82 -4.47 -9.95 -1.76
C ALA A 82 -5.94 -10.10 -1.40
N LEU A 83 -6.18 -10.35 -0.12
CA LEU A 83 -7.52 -10.49 0.43
C LEU A 83 -7.80 -9.28 1.30
N GLY A 84 -8.89 -8.57 1.02
CA GLY A 84 -9.33 -7.49 1.87
C GLY A 84 -9.28 -6.12 1.23
N GLY A 85 -8.45 -5.24 1.80
CA GLY A 85 -8.43 -3.85 1.39
C GLY A 85 -9.31 -2.99 2.26
N TRP A 86 -9.16 -1.66 2.11
CA TRP A 86 -9.91 -0.72 2.94
C TRP A 86 -11.40 -0.96 2.84
N ASN A 87 -11.95 -1.02 1.63
CA ASN A 87 -13.40 -1.11 1.48
C ASN A 87 -13.96 -2.40 2.07
N ASP A 88 -13.25 -3.52 1.89
CA ASP A 88 -13.74 -4.79 2.42
C ASP A 88 -13.61 -4.88 3.93
N SER A 89 -12.88 -3.96 4.55
CA SER A 89 -12.65 -3.98 5.99
C SER A 89 -13.66 -3.16 6.77
N ALA A 90 -14.74 -2.68 6.14
CA ALA A 90 -15.64 -1.74 6.79
C ALA A 90 -16.40 -2.35 7.96
N GLY A 91 -16.75 -3.63 7.90
CA GLY A 91 -17.60 -4.17 8.96
C GLY A 91 -16.92 -5.15 9.89
N ASP A 92 -17.69 -6.09 10.42
CA ASP A 92 -17.18 -7.05 11.39
C ASP A 92 -16.83 -8.40 10.79
N LYS A 93 -16.91 -8.57 9.47
CA LYS A 93 -16.83 -9.93 8.93
C LYS A 93 -15.46 -10.57 9.16
N TYR A 94 -14.36 -9.80 9.09
CA TYR A 94 -13.05 -10.41 9.33
C TYR A 94 -12.87 -10.76 10.79
N SER A 95 -13.39 -9.91 11.68
CA SER A 95 -13.35 -10.21 13.10
C SER A 95 -14.17 -11.46 13.41
N LYS A 96 -15.36 -11.60 12.81
CA LYS A 96 -16.16 -12.80 13.02
C LYS A 96 -15.40 -14.03 12.55
N LEU A 97 -14.70 -13.93 11.43
CA LEU A 97 -13.91 -15.06 10.93
C LEU A 97 -12.81 -15.43 11.89
N VAL A 98 -11.96 -14.46 12.27
CA VAL A 98 -10.76 -14.82 13.01
C VAL A 98 -11.06 -15.25 14.44
N ASN A 99 -12.23 -14.89 14.96
CA ASN A 99 -12.60 -15.27 16.32
C ASN A 99 -13.32 -16.62 16.39
N ASP A 100 -13.40 -17.34 15.28
CA ASP A 100 -14.15 -18.59 15.17
C ASP A 100 -13.21 -19.66 14.63
N PRO A 101 -12.64 -20.52 15.49
CA PRO A 101 -11.71 -21.54 14.99
C PRO A 101 -12.27 -22.41 13.88
N ALA A 102 -13.54 -22.82 13.96
CA ALA A 102 -14.13 -23.65 12.92
C ALA A 102 -14.23 -22.89 11.60
N ALA A 103 -14.59 -21.60 11.67
CA ALA A 103 -14.64 -20.79 10.45
C ALA A 103 -13.25 -20.61 9.86
N ARG A 104 -12.24 -20.38 10.71
CA ARG A 104 -10.88 -20.27 10.17
C ARG A 104 -10.47 -21.56 9.47
N ALA A 105 -10.80 -22.71 10.06
CA ALA A 105 -10.34 -23.98 9.50
C ALA A 105 -10.96 -24.22 8.13
N LYS A 106 -12.24 -23.87 7.97
CA LYS A 106 -12.88 -23.99 6.67
C LYS A 106 -12.28 -23.00 5.69
N PHE A 107 -12.06 -21.76 6.12
CA PHE A 107 -11.52 -20.74 5.24
C PHE A 107 -10.15 -21.12 4.69
N VAL A 108 -9.28 -21.67 5.54
CA VAL A 108 -7.90 -21.91 5.14
C VAL A 108 -7.81 -22.94 4.00
N GLN A 109 -8.53 -24.06 4.12
CA GLN A 109 -8.41 -25.07 3.07
C GLN A 109 -8.99 -24.56 1.75
N HIS A 110 -10.10 -23.83 1.82
CA HIS A 110 -10.69 -23.28 0.59
C HIS A 110 -9.76 -22.24 -0.03
N ALA A 111 -9.14 -21.41 0.81
CA ALA A 111 -8.28 -20.34 0.30
C ALA A 111 -7.08 -20.90 -0.45
N VAL A 112 -6.44 -21.93 0.10
CA VAL A 112 -5.30 -22.52 -0.60
C VAL A 112 -5.73 -23.12 -1.94
N ALA A 113 -6.89 -23.78 -1.96
CA ALA A 113 -7.40 -24.34 -3.22
C ALA A 113 -7.69 -23.23 -4.23
N PHE A 114 -8.24 -22.11 -3.76
CA PHE A 114 -8.50 -20.95 -4.61
C PHE A 114 -7.20 -20.46 -5.26
N LEU A 115 -6.15 -20.27 -4.46
CA LEU A 115 -4.86 -19.84 -5.00
C LEU A 115 -4.34 -20.82 -6.04
N GLU A 116 -4.39 -22.12 -5.73
CA GLU A 116 -3.85 -23.11 -6.66
C GLU A 116 -4.66 -23.18 -7.95
N LYS A 117 -5.97 -22.97 -7.86
CA LYS A 117 -6.81 -23.01 -9.05
C LYS A 117 -6.37 -21.98 -10.07
N TYR A 118 -6.00 -20.78 -9.62
CA TYR A 118 -5.66 -19.68 -10.51
C TYR A 118 -4.17 -19.48 -10.69
N GLY A 119 -3.35 -20.32 -10.07
CA GLY A 119 -1.92 -20.27 -10.26
C GLY A 119 -1.18 -19.22 -9.45
N PHE A 120 -1.80 -18.69 -8.39
CA PHE A 120 -1.11 -17.70 -7.59
C PHE A 120 0.00 -18.34 -6.77
N ASP A 121 1.06 -17.56 -6.53
CA ASP A 121 2.21 -18.00 -5.76
C ASP A 121 2.03 -17.80 -4.26
N GLY A 122 0.97 -17.13 -3.83
CA GLY A 122 0.81 -16.85 -2.41
C GLY A 122 -0.40 -15.99 -2.16
N LEU A 123 -0.64 -15.77 -0.88
CA LEU A 123 -1.74 -14.96 -0.38
C LEU A 123 -1.18 -13.78 0.41
N ASP A 124 -1.76 -12.60 0.21
CA ASP A 124 -1.41 -11.39 0.94
C ASP A 124 -2.63 -10.97 1.75
N LEU A 125 -2.47 -10.79 3.05
CA LEU A 125 -3.58 -10.44 3.94
C LEU A 125 -3.62 -8.93 4.10
N ASP A 126 -4.76 -8.31 3.77
CA ASP A 126 -4.93 -6.87 3.80
CA ASP A 126 -4.91 -6.86 3.83
C ASP A 126 -6.18 -6.48 4.59
N TRP A 127 -6.32 -7.02 5.79
CA TRP A 127 -7.41 -6.61 6.68
C TRP A 127 -6.99 -5.30 7.34
N GLU A 128 -7.80 -4.25 7.18
CA GLU A 128 -7.45 -2.93 7.69
C GLU A 128 -8.50 -2.51 8.74
N TYR A 129 -8.32 -2.88 10.01
CA TYR A 129 -7.17 -3.61 10.56
C TYR A 129 -7.74 -4.47 11.67
N PRO A 130 -7.01 -5.52 12.09
CA PRO A 130 -7.44 -6.27 13.26
C PRO A 130 -7.64 -5.31 14.44
N LYS A 131 -8.76 -5.48 15.16
CA LYS A 131 -9.13 -4.67 16.32
C LYS A 131 -9.60 -3.28 15.89
N CYS A 132 -8.76 -2.54 15.18
CA CYS A 132 -9.06 -1.16 14.79
C CYS A 132 -9.63 -1.18 13.37
N TRP A 133 -10.89 -1.59 13.27
CA TRP A 133 -11.55 -1.70 11.98
C TRP A 133 -11.60 -0.33 11.31
N GLN A 134 -11.05 -0.23 10.11
CA GLN A 134 -10.90 1.06 9.43
C GLN A 134 -10.36 2.14 10.36
N VAL A 135 -9.35 1.75 11.16
CA VAL A 135 -8.56 2.61 12.05
C VAL A 135 -9.25 2.94 13.37
N ASP A 136 -10.51 2.52 13.54
CA ASP A 136 -11.28 2.83 14.75
C ASP A 136 -11.06 1.71 15.77
N CYS A 137 -10.16 1.96 16.73
CA CYS A 137 -9.82 0.96 17.73
C CYS A 137 -10.95 0.68 18.72
N SER A 138 -11.97 1.52 18.77
CA SER A 138 -13.12 1.22 19.62
C SER A 138 -14.04 0.16 19.03
N LYS A 139 -13.84 -0.23 17.77
CA LYS A 139 -14.83 -1.06 17.11
C LYS A 139 -14.66 -2.55 17.40
N GLY A 140 -13.44 -3.05 17.40
CA GLY A 140 -13.24 -4.48 17.45
C GLY A 140 -12.77 -4.97 18.80
N PRO A 141 -12.91 -6.26 19.05
CA PRO A 141 -12.42 -6.83 20.31
C PRO A 141 -10.93 -7.05 20.28
N ASP A 142 -10.32 -6.98 21.46
CA ASP A 142 -8.91 -7.28 21.62
C ASP A 142 -8.56 -8.67 21.07
N SER A 143 -9.50 -9.61 21.12
CA SER A 143 -9.25 -10.96 20.64
C SER A 143 -9.04 -11.04 19.13
N ASP A 144 -9.30 -9.96 18.40
CA ASP A 144 -8.89 -9.90 17.00
C ASP A 144 -7.40 -10.14 16.84
N LYS A 145 -6.59 -9.71 17.81
CA LYS A 145 -5.14 -9.89 17.70
C LYS A 145 -4.78 -11.37 17.72
N GLN A 146 -5.24 -12.10 18.74
CA GLN A 146 -4.94 -13.52 18.81
C GLN A 146 -5.59 -14.26 17.64
N GLY A 147 -6.80 -13.84 17.25
CA GLY A 147 -7.47 -14.51 16.16
C GLY A 147 -6.72 -14.37 14.85
N PHE A 148 -6.25 -13.15 14.56
CA PHE A 148 -5.45 -12.92 13.35
C PHE A 148 -4.14 -13.70 13.41
N ALA A 149 -3.50 -13.74 14.58
CA ALA A 149 -2.27 -14.50 14.73
C ALA A 149 -2.50 -15.97 14.45
N ASP A 150 -3.64 -16.51 14.90
CA ASP A 150 -3.95 -17.92 14.65
C ASP A 150 -4.32 -18.15 13.19
N LEU A 151 -5.02 -17.19 12.56
CA LEU A 151 -5.27 -17.30 11.12
C LEU A 151 -3.97 -17.35 10.35
N VAL A 152 -3.01 -16.49 10.70
CA VAL A 152 -1.72 -16.49 10.01
C VAL A 152 -1.00 -17.83 10.22
N HIS A 153 -1.03 -18.36 11.44
CA HIS A 153 -0.41 -19.66 11.66
C HIS A 153 -1.09 -20.74 10.83
N GLU A 154 -2.43 -20.78 10.85
CA GLU A 154 -3.15 -21.82 10.14
C GLU A 154 -2.94 -21.72 8.63
N LEU A 155 -2.89 -20.51 8.10
CA LEU A 155 -2.56 -20.35 6.68
C LEU A 155 -1.13 -20.79 6.39
N SER A 156 -0.17 -20.35 7.21
CA SER A 156 1.22 -20.72 7.02
C SER A 156 1.39 -22.23 7.03
N ALA A 157 0.69 -22.92 7.92
CA ALA A 157 0.86 -24.36 8.06
C ALA A 157 0.44 -25.12 6.81
N VAL A 158 -0.46 -24.55 6.00
CA VAL A 158 -0.87 -25.16 4.75
C VAL A 158 -0.06 -24.63 3.57
N LEU A 159 0.22 -23.32 3.55
CA LEU A 159 0.87 -22.73 2.40
C LEU A 159 2.34 -23.09 2.34
N LYS A 160 3.03 -23.03 3.48
CA LYS A 160 4.48 -23.21 3.48
C LYS A 160 4.91 -24.59 2.97
N PRO A 161 4.31 -25.70 3.40
CA PRO A 161 4.69 -27.00 2.81
C PRO A 161 4.50 -27.08 1.31
N LYS A 162 3.56 -26.32 0.74
CA LYS A 162 3.32 -26.30 -0.69
C LYS A 162 4.22 -25.32 -1.43
N GLY A 163 5.13 -24.65 -0.74
CA GLY A 163 5.98 -23.67 -1.39
C GLY A 163 5.27 -22.39 -1.75
N LEU A 164 4.15 -22.10 -1.10
CA LEU A 164 3.38 -20.90 -1.38
C LEU A 164 3.71 -19.83 -0.35
N LEU A 165 3.60 -18.58 -0.76
CA LEU A 165 3.99 -17.44 0.06
C LEU A 165 2.81 -16.91 0.88
N LEU A 166 3.13 -16.33 2.02
CA LEU A 166 2.15 -15.65 2.85
C LEU A 166 2.74 -14.33 3.31
N SER A 167 1.99 -13.24 3.10
CA SER A 167 2.44 -11.91 3.46
C SER A 167 1.26 -11.12 3.99
N ALA A 168 1.53 -9.95 4.57
CA ALA A 168 0.46 -9.08 5.01
C ALA A 168 0.84 -7.62 4.76
N ALA A 169 -0.16 -6.80 4.43
CA ALA A 169 -0.02 -5.35 4.46
C ALA A 169 -0.53 -4.87 5.80
N VAL A 170 0.27 -4.00 6.45
CA VAL A 170 0.03 -3.68 7.85
C VAL A 170 0.08 -2.17 8.11
N SER A 171 -0.57 -1.78 9.21
CA SER A 171 -0.70 -0.38 9.59
C SER A 171 0.65 0.22 9.97
N PRO A 172 0.82 1.52 9.72
CA PRO A 172 2.00 2.26 10.21
C PRO A 172 1.78 2.97 11.53
N ASN A 173 0.58 2.86 12.11
CA ASN A 173 0.16 3.66 13.25
C ASN A 173 0.43 2.90 14.54
N LYS A 174 1.17 3.53 15.45
CA LYS A 174 1.60 2.88 16.69
C LYS A 174 0.44 2.22 17.44
N MET A 175 -0.66 2.95 17.63
CA MET A 175 -1.78 2.41 18.41
C MET A 175 -2.45 1.23 17.71
N VAL A 176 -2.54 1.27 16.38
CA VAL A 176 -3.11 0.15 15.66
C VAL A 176 -2.18 -1.05 15.70
N ILE A 177 -0.88 -0.82 15.53
CA ILE A 177 0.10 -1.89 15.65
C ILE A 177 -0.02 -2.55 17.02
N ASP A 178 -0.08 -1.73 18.08
CA ASP A 178 -0.14 -2.27 19.44
C ASP A 178 -1.41 -3.09 19.64
N ALA A 179 -2.52 -2.64 19.07
CA ALA A 179 -3.81 -3.28 19.34
C ALA A 179 -4.05 -4.51 18.48
N GLY A 180 -3.54 -4.52 17.26
CA GLY A 180 -3.99 -5.52 16.32
C GLY A 180 -3.03 -6.65 16.01
N TYR A 181 -1.74 -6.47 16.27
CA TYR A 181 -0.73 -7.37 15.74
C TYR A 181 0.05 -8.06 16.84
N ASP A 182 0.09 -9.39 16.81
CA ASP A 182 1.05 -10.15 17.58
C ASP A 182 2.31 -10.17 16.73
N VAL A 183 3.17 -9.17 16.92
CA VAL A 183 4.28 -8.95 16.00
C VAL A 183 5.23 -10.14 15.93
N PRO A 184 5.67 -10.74 17.04
CA PRO A 184 6.58 -11.91 16.89
C PRO A 184 6.00 -13.05 16.07
N VAL A 185 4.71 -13.34 16.23
CA VAL A 185 4.10 -14.43 15.46
C VAL A 185 4.11 -14.09 13.97
N LEU A 186 3.62 -12.90 13.63
CA LEU A 186 3.58 -12.47 12.24
C LEU A 186 4.99 -12.43 11.65
N ALA A 187 5.95 -11.88 12.40
CA ALA A 187 7.31 -11.77 11.88
C ALA A 187 7.94 -13.13 11.64
N ARG A 188 7.58 -14.12 12.46
CA ARG A 188 8.17 -15.44 12.28
C ARG A 188 7.58 -16.18 11.09
N LEU A 189 6.29 -16.01 10.85
CA LEU A 189 5.59 -16.83 9.86
C LEU A 189 5.47 -16.19 8.49
N LEU A 190 5.36 -14.87 8.42
CA LEU A 190 5.16 -14.20 7.13
C LEU A 190 6.46 -14.11 6.34
N ASP A 191 6.35 -14.29 5.02
CA ASP A 191 7.52 -14.13 4.17
C ASP A 191 7.93 -12.67 4.02
N TRP A 192 6.96 -11.75 4.03
CA TRP A 192 7.28 -10.35 4.18
C TRP A 192 6.08 -9.64 4.81
N ILE A 193 6.37 -8.48 5.37
CA ILE A 193 5.39 -7.60 5.98
C ILE A 193 5.50 -6.29 5.22
N ALA A 194 4.44 -5.92 4.48
CA ALA A 194 4.42 -4.69 3.70
C ALA A 194 3.87 -3.60 4.60
N VAL A 195 4.75 -2.79 5.16
CA VAL A 195 4.30 -1.74 6.06
C VAL A 195 3.76 -0.58 5.24
N MET A 196 2.51 -0.21 5.46
CA MET A 196 1.85 0.83 4.68
C MET A 196 2.20 2.20 5.25
N THR A 197 3.46 2.59 5.01
CA THR A 197 4.03 3.86 5.49
C THR A 197 3.54 5.04 4.64
N TYR A 198 2.22 5.19 4.62
CA TYR A 198 1.58 6.29 3.92
C TYR A 198 0.18 6.44 4.51
N ASP A 199 -0.55 7.44 4.02
CA ASP A 199 -1.82 7.84 4.60
C ASP A 199 -1.68 8.23 6.07
N TYR A 200 -0.52 8.79 6.45
CA TYR A 200 -0.40 9.33 7.79
C TYR A 200 -1.30 10.53 7.97
N HIS A 201 -1.62 11.22 6.88
CA HIS A 201 -2.43 12.42 6.90
C HIS A 201 -3.36 12.44 5.71
N GLY A 202 -4.48 13.14 5.86
CA GLY A 202 -5.52 13.19 4.86
C GLY A 202 -6.62 14.10 5.33
N GLN A 203 -7.66 14.24 4.48
CA GLN A 203 -8.77 15.15 4.74
C GLN A 203 -9.43 14.91 6.10
N TRP A 204 -9.35 13.69 6.65
CA TRP A 204 -9.95 13.38 7.94
C TRP A 204 -9.31 14.17 9.08
N ASP A 205 -8.09 14.69 8.88
CA ASP A 205 -7.41 15.45 9.93
C ASP A 205 -7.98 16.84 10.12
N LYS A 206 -8.76 17.33 9.15
CA LYS A 206 -9.27 18.71 9.12
C LYS A 206 -8.18 19.75 8.98
N LYS A 207 -6.97 19.36 8.59
CA LYS A 207 -5.89 20.30 8.33
C LYS A 207 -4.89 19.62 7.41
N THR A 208 -4.09 20.44 6.71
CA THR A 208 -3.18 19.87 5.72
C THR A 208 -2.02 19.14 6.40
N GLY A 209 -1.54 18.11 5.72
CA GLY A 209 -0.40 17.35 6.20
C GLY A 209 0.12 16.49 5.07
N HIS A 210 1.28 15.89 5.30
CA HIS A 210 1.89 15.08 4.26
C HIS A 210 1.41 13.64 4.31
N VAL A 211 1.05 13.10 3.14
CA VAL A 211 0.61 11.72 3.02
C VAL A 211 1.60 10.74 3.65
N ALA A 212 2.90 11.01 3.56
CA ALA A 212 3.91 10.00 3.88
C ALA A 212 5.24 10.63 4.29
N PRO A 213 5.28 11.29 5.44
CA PRO A 213 6.55 11.84 5.93
C PRO A 213 7.55 10.73 6.21
N LEU A 214 8.83 11.00 5.94
CA LEU A 214 9.90 10.08 6.28
C LEU A 214 10.39 10.30 7.71
N TYR A 215 10.67 11.55 8.07
CA TYR A 215 11.21 11.88 9.38
C TYR A 215 10.29 12.85 10.11
N TYR A 216 10.41 12.85 11.43
CA TYR A 216 9.70 13.79 12.28
C TYR A 216 9.93 15.23 11.82
N HIS A 217 8.88 16.03 11.89
CA HIS A 217 8.89 17.46 11.62
C HIS A 217 8.49 18.21 12.88
N PRO A 218 9.17 19.31 13.21
CA PRO A 218 8.94 19.96 14.52
C PRO A 218 7.49 20.34 14.81
N ASP A 219 6.67 20.56 13.79
CA ASP A 219 5.28 20.95 14.00
C ASP A 219 4.32 19.77 14.05
N ASP A 220 4.82 18.54 14.01
CA ASP A 220 3.95 17.37 14.06
C ASP A 220 3.25 17.28 15.41
N ASP A 221 1.98 16.86 15.37
CA ASP A 221 1.25 16.66 16.62
C ASP A 221 1.83 15.53 17.46
N THR A 222 2.54 14.60 16.83
CA THR A 222 3.03 13.39 17.47
C THR A 222 4.45 13.13 17.03
N THR A 223 5.16 12.28 17.77
CA THR A 223 6.46 11.82 17.33
C THR A 223 6.39 10.56 16.49
N TYR A 224 5.22 9.97 16.30
CA TYR A 224 5.15 8.65 15.69
C TYR A 224 4.54 8.60 14.29
N PHE A 225 4.06 9.72 13.75
CA PHE A 225 3.44 9.71 12.42
C PHE A 225 4.47 10.02 11.33
N ASN A 226 5.47 9.16 11.24
CA ASN A 226 6.45 9.25 10.18
C ASN A 226 7.03 7.86 9.93
N ALA A 227 7.51 7.62 8.71
CA ALA A 227 7.98 6.30 8.32
C ALA A 227 9.16 5.84 9.17
N ASN A 228 10.04 6.76 9.55
CA ASN A 228 11.21 6.38 10.34
C ASN A 228 10.78 5.77 11.68
N TYR A 229 9.86 6.42 12.39
CA TYR A 229 9.36 5.84 13.63
C TYR A 229 8.69 4.50 13.37
N THR A 230 7.81 4.45 12.38
CA THR A 230 7.03 3.25 12.10
C THR A 230 7.92 2.04 11.84
N ILE A 231 8.91 2.19 10.97
CA ILE A 231 9.76 1.06 10.61
C ILE A 231 10.57 0.59 11.81
N HIS A 232 11.13 1.55 12.56
CA HIS A 232 11.87 1.17 13.76
C HIS A 232 10.97 0.54 14.79
N TYR A 233 9.71 0.95 14.86
CA TYR A 233 8.78 0.36 15.82
C TYR A 233 8.44 -1.08 15.46
N TRP A 234 8.21 -1.37 14.18
CA TRP A 234 8.01 -2.77 13.78
C TRP A 234 9.21 -3.62 14.16
N MET A 235 10.43 -3.09 14.01
CA MET A 235 11.61 -3.84 14.40
C MET A 235 11.70 -3.98 15.92
N GLU A 236 11.40 -2.90 16.66
CA GLU A 236 11.43 -2.97 18.11
C GLU A 236 10.44 -4.01 18.64
N LYS A 237 9.30 -4.15 17.97
CA LYS A 237 8.29 -5.11 18.38
C LYS A 237 8.65 -6.54 18.01
N GLY A 238 9.74 -6.76 17.27
CA GLY A 238 10.21 -8.10 16.99
C GLY A 238 10.34 -8.49 15.52
N THR A 239 10.22 -7.50 14.61
CA THR A 239 10.28 -7.88 13.19
C THR A 239 11.72 -7.80 12.67
N PRO A 240 12.25 -8.86 12.07
CA PRO A 240 13.56 -8.74 11.42
C PRO A 240 13.51 -7.76 10.25
N ALA A 241 14.61 -7.04 10.06
CA ALA A 241 14.71 -6.11 8.94
C ALA A 241 14.41 -6.81 7.61
N SER A 242 14.87 -8.06 7.44
CA SER A 242 14.71 -8.72 6.16
C SER A 242 13.25 -8.99 5.82
N LYS A 243 12.37 -9.01 6.81
CA LYS A 243 10.95 -9.26 6.58
C LYS A 243 10.18 -8.00 6.22
N ILE A 244 10.76 -6.81 6.37
CA ILE A 244 10.03 -5.57 6.15
C ILE A 244 10.23 -5.08 4.73
N VAL A 245 9.14 -4.74 4.06
CA VAL A 245 9.21 -3.92 2.86
C VAL A 245 8.45 -2.63 3.14
N MET A 246 9.07 -1.50 2.81
CA MET A 246 8.53 -0.19 3.15
C MET A 246 7.66 0.35 2.03
N GLY A 247 6.40 0.65 2.35
CA GLY A 247 5.48 1.19 1.36
C GLY A 247 5.79 2.63 0.97
N MET A 248 5.59 2.91 -0.31
CA MET A 248 5.75 4.25 -0.84
C MET A 248 4.54 4.58 -1.72
N PRO A 249 3.94 5.75 -1.55
CA PRO A 249 2.72 6.09 -2.30
C PRO A 249 3.01 6.64 -3.69
N MET A 250 2.31 6.13 -4.68
CA MET A 250 2.32 6.68 -6.03
C MET A 250 1.19 7.67 -6.25
N TYR A 251 0.70 8.30 -5.18
CA TYR A 251 -0.45 9.18 -5.22
C TYR A 251 -0.29 10.21 -4.11
N GLY A 252 -1.19 11.19 -4.08
CA GLY A 252 -1.21 12.18 -3.03
C GLY A 252 -2.56 12.26 -2.35
N GLN A 253 -2.54 12.82 -1.13
CA GLN A 253 -3.75 13.19 -0.41
C GLN A 253 -4.05 14.65 -0.70
N SER A 254 -5.27 14.94 -1.11
CA SER A 254 -5.65 16.29 -1.50
C SER A 254 -6.65 16.86 -0.53
N PHE A 255 -6.65 18.20 -0.44
CA PHE A 255 -7.41 18.91 0.57
C PHE A 255 -7.98 20.17 -0.06
N THR A 256 -9.20 20.54 0.37
CA THR A 256 -9.76 21.85 0.09
C THR A 256 -9.49 22.70 1.32
N ILE A 257 -8.62 23.70 1.16
CA ILE A 257 -8.21 24.52 2.30
C ILE A 257 -9.27 25.58 2.55
N GLU A 258 -9.47 25.89 3.84
CA GLU A 258 -10.51 26.83 4.24
C GLU A 258 -10.30 28.20 3.62
N ASN A 259 -9.04 28.62 3.49
CA ASN A 259 -8.71 29.98 3.16
C ASN A 259 -7.56 29.99 2.16
N ARG A 260 -7.86 30.42 0.94
CA ARG A 260 -6.78 30.84 0.04
C ARG A 260 -6.17 32.11 0.60
N GLY A 261 -4.89 32.02 0.95
CA GLY A 261 -4.23 33.08 1.72
C GLY A 261 -3.09 32.48 2.51
N ILE A 262 -3.35 31.35 3.16
CA ILE A 262 -2.31 30.54 3.78
C ILE A 262 -2.30 29.19 3.07
N HIS A 263 -1.11 28.67 2.80
CA HIS A 263 -1.00 27.47 1.98
C HIS A 263 0.01 26.47 2.53
N GLY A 264 0.38 26.56 3.81
CA GLY A 264 1.40 25.73 4.38
C GLY A 264 0.88 24.44 4.99
N LEU A 265 1.73 23.83 5.81
CA LEU A 265 1.34 22.62 6.54
C LEU A 265 0.45 22.99 7.71
N ASN A 266 -0.41 22.04 8.10
CA ASN A 266 -1.22 22.14 9.31
C ASN A 266 -2.21 23.30 9.27
N ILE A 267 -2.65 23.68 8.07
CA ILE A 267 -3.61 24.78 7.91
C ILE A 267 -5.03 24.22 7.83
N PRO A 268 -6.05 24.96 8.28
CA PRO A 268 -7.40 24.39 8.34
C PRO A 268 -7.93 23.97 6.98
N VAL A 269 -8.70 22.89 6.99
CA VAL A 269 -9.22 22.25 5.79
C VAL A 269 -10.71 22.03 5.97
N SER A 270 -11.49 22.29 4.93
CA SER A 270 -12.93 22.13 4.98
C SER A 270 -13.42 20.80 4.41
N ASP A 271 -12.63 20.14 3.55
CA ASP A 271 -13.06 18.93 2.87
C ASP A 271 -11.85 18.35 2.15
N GLY A 272 -12.03 17.13 1.62
CA GLY A 272 -11.07 16.61 0.67
C GLY A 272 -10.95 17.49 -0.56
N GLY A 273 -9.84 17.32 -1.28
CA GLY A 273 -9.67 18.04 -2.52
C GLY A 273 -10.63 17.57 -3.59
N GLU A 274 -10.82 18.41 -4.60
CA GLU A 274 -11.72 18.06 -5.70
C GLU A 274 -11.22 16.79 -6.38
N PRO A 275 -12.11 15.88 -6.76
CA PRO A 275 -11.67 14.62 -7.37
C PRO A 275 -10.93 14.85 -8.68
N GLY A 276 -9.94 14.00 -8.94
CA GLY A 276 -9.28 14.01 -10.22
C GLY A 276 -10.17 13.43 -11.32
N GLU A 277 -9.90 13.82 -12.57
CA GLU A 277 -10.73 13.38 -13.67
C GLU A 277 -10.55 11.91 -14.00
N TYR A 278 -9.42 11.30 -13.62
CA TYR A 278 -9.21 9.89 -13.89
C TYR A 278 -9.55 9.00 -12.69
N THR A 279 -9.12 9.41 -11.50
CA THR A 279 -9.31 8.55 -10.33
C THR A 279 -10.64 8.79 -9.63
N ARG A 280 -11.22 9.99 -9.78
CA ARG A 280 -12.61 10.28 -9.40
C ARG A 280 -12.92 9.93 -7.94
N ALA A 281 -12.06 10.39 -7.04
CA ALA A 281 -12.18 10.13 -5.61
C ALA A 281 -11.77 11.38 -4.86
N LYS A 282 -12.73 12.01 -4.17
CA LYS A 282 -12.44 13.20 -3.38
C LYS A 282 -11.33 12.90 -2.36
N GLY A 283 -10.31 13.78 -2.33
CA GLY A 283 -9.22 13.62 -1.40
C GLY A 283 -8.04 12.82 -1.91
N PHE A 284 -8.07 12.38 -3.17
CA PHE A 284 -7.07 11.48 -3.71
C PHE A 284 -6.70 11.95 -5.10
N LEU A 285 -5.40 11.95 -5.42
CA LEU A 285 -4.95 12.21 -6.78
C LEU A 285 -3.82 11.28 -7.14
N ALA A 286 -3.88 10.66 -8.31
CA ALA A 286 -2.74 9.87 -8.76
C ALA A 286 -1.55 10.79 -9.04
N TYR A 287 -0.34 10.22 -8.98
CA TYR A 287 0.82 11.01 -9.35
C TYR A 287 0.68 11.61 -10.74
N TYR A 288 0.12 10.86 -11.68
CA TYR A 288 0.00 11.42 -13.02
C TYR A 288 -1.03 12.53 -13.12
N GLU A 289 -1.95 12.61 -12.16
CA GLU A 289 -2.83 13.76 -12.05
C GLU A 289 -2.12 14.94 -11.40
N ILE A 290 -1.26 14.67 -10.41
CA ILE A 290 -0.55 15.74 -9.71
C ILE A 290 0.50 16.37 -10.60
N CYS A 291 1.30 15.54 -11.29
CA CYS A 291 2.37 16.10 -12.09
C CYS A 291 1.82 16.95 -13.23
N ASP A 292 0.65 16.58 -13.78
CA ASP A 292 0.04 17.41 -14.81
C ASP A 292 -0.40 18.75 -14.26
N ARG A 293 -0.97 18.76 -13.05
CA ARG A 293 -1.35 20.03 -12.43
C ARG A 293 -0.16 20.94 -12.25
N ILE A 294 0.99 20.37 -11.88
CA ILE A 294 2.21 21.16 -11.71
C ILE A 294 2.76 21.62 -13.05
N ARG A 295 2.79 20.72 -14.03
CA ARG A 295 3.44 21.03 -15.30
C ARG A 295 2.60 21.99 -16.14
N ASN A 296 1.28 21.81 -16.15
CA ASN A 296 0.44 22.49 -17.13
C ASN A 296 -0.65 23.38 -16.53
N SER A 297 -0.90 23.31 -15.22
CA SER A 297 -1.91 24.14 -14.58
C SER A 297 -1.33 25.09 -13.55
N GLY A 298 0.00 25.23 -13.48
CA GLY A 298 0.60 26.24 -12.65
C GLY A 298 0.49 26.05 -11.15
N TRP A 299 0.33 24.83 -10.67
CA TRP A 299 0.31 24.63 -9.23
C TRP A 299 1.68 24.94 -8.65
N THR A 300 1.70 25.58 -7.48
CA THR A 300 2.94 25.95 -6.83
C THR A 300 3.42 24.79 -5.96
N VAL A 301 4.70 24.46 -6.07
CA VAL A 301 5.29 23.31 -5.37
C VAL A 301 6.16 23.83 -4.24
N VAL A 302 6.00 23.24 -3.05
CA VAL A 302 6.84 23.55 -1.90
C VAL A 302 7.56 22.28 -1.48
N LYS A 303 8.89 22.31 -1.53
CA LYS A 303 9.71 21.18 -1.12
C LYS A 303 10.28 21.41 0.27
N ASP A 304 10.65 20.31 0.93
CA ASP A 304 11.31 20.37 2.23
C ASP A 304 12.81 20.29 2.00
N PRO A 305 13.56 21.37 2.23
CA PRO A 305 15.01 21.33 1.98
C PRO A 305 15.76 20.32 2.83
N TYR A 306 15.22 19.94 3.99
CA TYR A 306 15.81 18.89 4.81
C TYR A 306 15.34 17.50 4.43
N GLN A 307 14.40 17.40 3.49
CA GLN A 307 13.96 16.12 2.95
C GLN A 307 13.46 15.18 4.05
N ARG A 308 12.73 15.74 5.01
CA ARG A 308 12.00 14.91 5.96
C ARG A 308 10.69 14.41 5.37
N MET A 309 10.22 15.05 4.31
CA MET A 309 8.99 14.64 3.65
C MET A 309 9.06 15.16 2.22
N GLY A 310 8.23 14.58 1.36
CA GLY A 310 8.14 15.03 0.00
C GLY A 310 7.41 16.35 -0.12
N PRO A 311 7.15 16.76 -1.35
CA PRO A 311 6.58 18.08 -1.60
C PRO A 311 5.09 18.14 -1.31
N TYR A 312 4.58 19.37 -1.29
CA TYR A 312 3.16 19.59 -1.48
C TYR A 312 2.99 20.61 -2.59
N ALA A 313 1.79 20.67 -3.17
CA ALA A 313 1.50 21.60 -4.25
C ALA A 313 0.11 22.17 -4.08
N TYR A 314 -0.09 23.41 -4.55
CA TYR A 314 -1.37 24.06 -4.31
C TYR A 314 -1.69 25.04 -5.44
N LYS A 315 -2.99 25.30 -5.58
CA LYS A 315 -3.49 26.35 -6.46
C LYS A 315 -4.89 26.72 -5.99
N GLY A 316 -5.12 27.99 -5.75
CA GLY A 316 -6.41 28.39 -5.22
C GLY A 316 -6.62 27.74 -3.86
N ASN A 317 -7.77 27.10 -3.70
CA ASN A 317 -8.10 26.40 -2.46
C ASN A 317 -7.82 24.90 -2.53
N GLN A 318 -7.02 24.46 -3.49
CA GLN A 318 -6.67 23.04 -3.62
C GLN A 318 -5.22 22.83 -3.20
N TRP A 319 -4.97 21.73 -2.48
CA TRP A 319 -3.67 21.48 -1.87
C TRP A 319 -3.47 19.97 -1.85
N VAL A 320 -2.30 19.49 -2.28
CA VAL A 320 -2.02 18.06 -2.33
C VAL A 320 -0.60 17.78 -1.85
N SER A 321 -0.43 16.74 -1.03
CA SER A 321 0.90 16.29 -0.61
C SER A 321 1.19 14.93 -1.25
N PHE A 322 2.44 14.70 -1.61
CA PHE A 322 2.77 13.52 -2.42
C PHE A 322 4.28 13.31 -2.39
N ASP A 323 4.73 12.23 -3.01
CA ASP A 323 6.16 11.93 -3.11
C ASP A 323 6.65 12.20 -4.53
N ASP A 324 7.76 12.91 -4.65
CA ASP A 324 8.43 13.08 -5.93
C ASP A 324 9.66 12.18 -6.03
N VAL A 325 10.36 12.26 -7.15
CA VAL A 325 11.51 11.41 -7.37
C VAL A 325 12.58 11.66 -6.31
N GLU A 326 12.75 12.93 -5.93
CA GLU A 326 13.79 13.27 -4.96
C GLU A 326 13.55 12.57 -3.62
N ILE A 327 12.34 12.67 -3.07
CA ILE A 327 12.08 12.04 -1.77
C ILE A 327 12.06 10.53 -1.90
N ILE A 328 11.69 10.00 -3.06
CA ILE A 328 11.70 8.56 -3.27
C ILE A 328 13.13 8.03 -3.17
N LYS A 329 14.09 8.73 -3.80
CA LYS A 329 15.49 8.32 -3.69
C LYS A 329 15.95 8.35 -2.23
N LYS A 330 15.54 9.37 -1.49
CA LYS A 330 15.89 9.43 -0.07
C LYS A 330 15.29 8.26 0.70
N LYS A 331 14.02 7.94 0.42
CA LYS A 331 13.39 6.83 1.11
C LYS A 331 14.06 5.51 0.77
N VAL A 332 14.46 5.32 -0.49
CA VAL A 332 15.10 4.06 -0.86
C VAL A 332 16.50 3.96 -0.25
N ASN A 333 17.22 5.08 -0.15
CA ASN A 333 18.48 5.06 0.58
C ASN A 333 18.25 4.68 2.04
N PHE A 334 17.12 5.11 2.60
CA PHE A 334 16.76 4.72 3.96
C PHE A 334 16.51 3.22 4.05
N ILE A 335 15.78 2.66 3.08
CA ILE A 335 15.57 1.22 3.03
C ILE A 335 16.90 0.47 3.04
N LYS A 336 17.84 0.91 2.19
CA LYS A 336 19.13 0.24 2.08
C LYS A 336 19.91 0.39 3.38
N SER A 337 19.87 1.58 3.98
CA SER A 337 20.64 1.86 5.20
C SER A 337 20.24 0.97 6.36
N LEU A 338 18.96 0.61 6.44
CA LEU A 338 18.46 -0.28 7.49
C LEU A 338 18.46 -1.74 7.07
N ASN A 339 18.96 -2.05 5.86
CA ASN A 339 18.99 -3.42 5.36
C ASN A 339 17.62 -4.05 5.32
N LEU A 340 16.60 -3.25 5.05
CA LEU A 340 15.25 -3.79 4.97
C LEU A 340 15.12 -4.74 3.79
N GLY A 341 14.04 -5.53 3.82
CA GLY A 341 13.80 -6.48 2.75
C GLY A 341 13.60 -5.82 1.40
N GLY A 342 13.11 -4.59 1.40
CA GLY A 342 12.94 -3.88 0.14
C GLY A 342 11.84 -2.83 0.24
N GLY A 343 11.22 -2.55 -0.91
CA GLY A 343 10.23 -1.52 -1.03
C GLY A 343 8.93 -2.08 -1.57
N MET A 344 7.87 -1.29 -1.41
CA MET A 344 6.55 -1.65 -1.89
C MET A 344 5.91 -0.38 -2.43
N ILE A 345 5.06 -0.51 -3.45
CA ILE A 345 4.34 0.64 -3.99
C ILE A 345 2.84 0.39 -4.03
N TRP A 346 2.09 1.42 -3.66
CA TRP A 346 0.66 1.51 -3.91
C TRP A 346 0.50 2.70 -4.84
N ALA A 347 0.20 2.48 -6.13
CA ALA A 347 0.05 1.19 -6.79
C ALA A 347 0.51 1.44 -8.24
N LEU A 348 0.68 0.34 -8.99
CA LEU A 348 1.22 0.44 -10.35
C LEU A 348 0.49 1.47 -11.20
N ASP A 349 -0.83 1.51 -11.10
CA ASP A 349 -1.67 2.29 -12.00
C ASP A 349 -1.74 3.77 -11.62
N LEU A 350 -1.05 4.19 -10.58
CA LEU A 350 -1.09 5.58 -10.13
C LEU A 350 0.16 6.38 -10.47
N ASP A 351 1.29 5.71 -10.71
CA ASP A 351 2.49 6.34 -11.26
C ASP A 351 2.20 6.81 -12.70
N ASP A 352 3.10 7.60 -13.26
CA ASP A 352 2.90 8.12 -14.62
C ASP A 352 3.40 7.10 -15.65
N TYR A 353 2.66 5.99 -15.75
CA TYR A 353 3.07 4.90 -16.64
C TYR A 353 2.94 5.26 -18.11
N ARG A 354 2.14 6.28 -18.45
CA ARG A 354 1.98 6.72 -19.82
C ARG A 354 2.93 7.84 -20.22
N ASN A 355 3.74 8.34 -19.29
CA ASN A 355 4.62 9.49 -19.57
C ASN A 355 3.81 10.71 -19.99
N ARG A 356 2.67 10.92 -19.32
CA ARG A 356 1.87 12.12 -19.51
C ARG A 356 2.63 13.38 -19.12
N CYS A 357 3.62 13.26 -18.22
CA CYS A 357 4.30 14.43 -17.68
C CYS A 357 5.69 14.63 -18.24
N GLY A 358 6.12 13.79 -19.19
CA GLY A 358 7.39 14.01 -19.87
C GLY A 358 8.63 13.72 -19.06
N GLN A 359 8.51 13.11 -17.87
CA GLN A 359 9.66 12.66 -17.10
C GLN A 359 10.12 11.25 -17.47
N GLY A 360 9.47 10.63 -18.44
CA GLY A 360 9.65 9.23 -18.73
C GLY A 360 8.53 8.40 -18.14
N LYS A 361 8.35 7.20 -18.71
CA LYS A 361 7.34 6.30 -18.21
C LYS A 361 7.73 5.79 -16.82
N HIS A 362 6.74 5.70 -15.95
CA HIS A 362 6.95 5.21 -14.58
C HIS A 362 8.07 5.96 -13.88
N PRO A 363 7.97 7.29 -13.75
CA PRO A 363 9.08 8.05 -13.13
C PRO A 363 9.32 7.67 -11.67
N LEU A 364 8.27 7.49 -10.87
CA LEU A 364 8.47 7.14 -9.47
C LEU A 364 9.02 5.72 -9.33
N LEU A 365 8.40 4.77 -10.01
CA LEU A 365 8.81 3.38 -9.85
C LEU A 365 10.20 3.15 -10.40
N ASN A 366 10.55 3.80 -11.52
CA ASN A 366 11.90 3.67 -12.04
C ASN A 366 12.91 4.31 -11.09
N ALA A 367 12.52 5.36 -10.38
CA ALA A 367 13.42 5.95 -9.40
C ALA A 367 13.69 4.98 -8.26
N ILE A 368 12.66 4.26 -7.82
CA ILE A 368 12.84 3.23 -6.79
C ILE A 368 13.80 2.16 -7.28
N LYS A 369 13.56 1.64 -8.49
CA LYS A 369 14.39 0.56 -9.01
C LYS A 369 15.84 0.99 -9.14
N THR A 370 16.07 2.17 -9.71
CA THR A 370 17.44 2.63 -9.90
C THR A 370 18.16 2.79 -8.57
N GLU A 371 17.48 3.35 -7.56
CA GLU A 371 18.14 3.54 -6.28
C GLU A 371 18.38 2.20 -5.57
N LEU A 372 17.43 1.26 -5.68
CA LEU A 372 17.63 -0.05 -5.08
C LEU A 372 18.83 -0.76 -5.68
N LEU A 373 19.08 -0.57 -6.98
CA LEU A 373 20.18 -1.22 -7.67
C LEU A 373 21.49 -0.46 -7.54
N ASN A 374 21.46 0.76 -7.02
CA ASN A 374 22.67 1.54 -6.79
C ASN A 374 23.36 1.01 -5.53
N PRO A 375 24.61 0.56 -5.61
CA PRO A 375 25.26 -0.04 -4.43
C PRO A 375 25.58 0.97 -3.34
N LYS A 376 25.77 2.24 -3.68
CA LYS A 376 26.13 3.24 -2.70
C LYS A 376 24.94 3.61 -1.83
N ILE A 377 25.21 3.92 -0.58
CA ILE A 377 24.15 4.30 0.37
C ILE A 377 24.37 5.71 0.91
#